data_8SFM
#
_entry.id   8SFM
#
_cell.length_a   64.110
_cell.length_b   74.610
_cell.length_c   137.690
_cell.angle_alpha   90.00
_cell.angle_beta   90.00
_cell.angle_gamma   90.00
#
_symmetry.space_group_name_H-M   'C 2 2 21'
#
loop_
_entity.id
_entity.type
_entity.pdbx_description
1 polymer Aryldialkylphosphatase
2 non-polymer 'FE (III) ION'
3 non-polymer 'COBALT (II) ION'
4 non-polymer GLYCEROL
5 non-polymer 1,2-ETHANEDIOL
6 non-polymer 'PHOSPHATE ION'
7 water water
#
_entity_poly.entity_id   1
_entity_poly.type   'polypeptide(L)'
_entity_poly.pdbx_seq_one_letter_code
;MRIPLVGKDSIESKDIGFTLIHEHLRAFSEAVRQQWPHLYNEDEEFRNAVNEVKRAMQFGVKTIVDPTVMGCGRDIRFME
KVVKATGINLVAGTGIFIFIDLPFYFLNRSIDEIADLFIHDIKEGIQGTLNKAGFV(KCX)IAADEPGITKDVEKVIRAA
AIANKETKVPIITHSNAHNNTGLEQQRILTEEGVDPGKILIGHLGDTDNIDYIKKIADKGSFIGLDRYGLDLFLPVDKRN
ETTLRLIKDGYSDKIMISHDYCCTIDWGTAKPEYKPKLAPRLSITLIFEDTIPFLKRNGVNEEVIATIFKENPKKFFS
;
_entity_poly.pdbx_strand_id   D
#
loop_
_chem_comp.id
_chem_comp.type
_chem_comp.name
_chem_comp.formula
CO non-polymer 'COBALT (II) ION' 'Co 2'
EDO non-polymer 1,2-ETHANEDIOL 'C2 H6 O2'
FE non-polymer 'FE (III) ION' 'Fe 3'
GOL non-polymer GLYCEROL 'C3 H8 O3'
PO4 non-polymer 'PHOSPHATE ION' 'O4 P -3'
#
# COMPACT_ATOMS: atom_id res chain seq x y z
N MET A 1 -13.73 10.16 -13.39
CA MET A 1 -13.94 8.75 -13.07
C MET A 1 -12.78 7.86 -13.50
N ARG A 2 -11.98 7.40 -12.55
CA ARG A 2 -10.89 6.50 -12.91
C ARG A 2 -10.41 5.66 -11.73
N ILE A 3 -10.33 6.24 -10.54
CA ILE A 3 -9.98 5.52 -9.32
C ILE A 3 -11.27 5.27 -8.54
N PRO A 4 -11.62 4.04 -8.22
CA PRO A 4 -12.79 3.81 -7.37
C PRO A 4 -12.49 4.19 -5.94
N LEU A 5 -13.52 4.73 -5.27
CA LEU A 5 -13.46 5.18 -3.90
C LEU A 5 -14.52 4.47 -3.09
N VAL A 6 -14.18 4.11 -1.86
CA VAL A 6 -15.16 3.46 -0.99
C VAL A 6 -16.26 4.46 -0.65
N GLY A 7 -17.51 4.08 -0.89
CA GLY A 7 -18.64 4.90 -0.47
C GLY A 7 -18.84 6.16 -1.28
N LYS A 8 -18.16 6.31 -2.42
CA LYS A 8 -18.24 7.52 -3.21
C LYS A 8 -18.17 7.18 -4.68
N ASP A 9 -18.52 8.14 -5.54
CA ASP A 9 -18.28 7.99 -6.96
C ASP A 9 -16.77 7.97 -7.24
N SER A 10 -16.39 7.35 -8.36
CA SER A 10 -14.97 7.30 -8.69
C SER A 10 -14.47 8.69 -9.07
N ILE A 11 -13.16 8.89 -8.93
CA ILE A 11 -12.53 10.17 -9.21
C ILE A 11 -11.45 10.02 -10.27
N GLU A 12 -11.24 11.10 -11.04
CA GLU A 12 -10.08 11.13 -11.92
C GLU A 12 -8.79 11.14 -11.11
N SER A 13 -7.80 10.40 -11.59
CA SER A 13 -6.51 10.31 -10.89
C SER A 13 -5.89 11.69 -10.69
N LYS A 14 -6.15 12.63 -11.60
CA LYS A 14 -5.60 13.98 -11.47
C LYS A 14 -6.18 14.72 -10.27
N ASP A 15 -7.28 14.22 -9.69
CA ASP A 15 -7.94 14.90 -8.58
C ASP A 15 -7.69 14.23 -7.24
N ILE A 16 -6.73 13.31 -7.17
CA ILE A 16 -6.48 12.57 -5.93
C ILE A 16 -5.92 13.48 -4.84
N GLY A 17 -5.19 14.54 -5.21
CA GLY A 17 -4.66 15.44 -4.20
C GLY A 17 -3.56 14.81 -3.37
N PHE A 18 -3.35 15.43 -2.20
CA PHE A 18 -2.38 14.93 -1.24
C PHE A 18 -2.82 13.57 -0.73
N THR A 19 -1.98 12.56 -0.95
CA THR A 19 -2.35 11.16 -0.76
C THR A 19 -1.39 10.47 0.18
N LEU A 20 -1.93 9.66 1.09
CA LEU A 20 -1.15 8.72 1.87
C LEU A 20 -1.32 7.36 1.24
N ILE A 21 -0.24 6.83 0.64
CA ILE A 21 -0.33 5.69 -0.28
C ILE A 21 -0.40 4.33 0.40
N HIS A 22 -0.12 4.24 1.71
CA HIS A 22 -0.07 2.93 2.37
C HIS A 22 -0.36 3.11 3.85
N GLU A 23 -1.66 3.08 4.21
CA GLU A 23 -2.10 3.18 5.59
C GLU A 23 -3.22 2.17 5.84
N HIS A 24 -3.21 1.52 6.99
CA HIS A 24 -4.24 0.54 7.32
C HIS A 24 -5.23 1.15 8.31
N LEU A 25 -6.51 1.15 7.98
CA LEU A 25 -7.49 1.57 8.96
C LEU A 25 -7.57 0.55 10.10
N ARG A 26 -7.35 -0.71 9.77
CA ARG A 26 -7.41 -1.79 10.74
C ARG A 26 -6.65 -2.96 10.11
N ALA A 27 -6.07 -3.83 10.94
CA ALA A 27 -5.54 -5.06 10.38
C ALA A 27 -5.70 -6.19 11.38
N PHE A 28 -6.09 -7.38 10.91
CA PHE A 28 -6.24 -8.52 11.79
C PHE A 28 -6.24 -9.80 10.98
N SER A 29 -6.05 -10.93 11.67
CA SER A 29 -6.10 -12.23 11.04
C SER A 29 -7.56 -12.69 10.96
N GLU A 30 -8.08 -12.94 9.75
CA GLU A 30 -9.48 -13.32 9.61
C GLU A 30 -9.82 -14.54 10.45
N ALA A 31 -8.95 -15.56 10.44
CA ALA A 31 -9.30 -16.78 11.14
C ALA A 31 -9.32 -16.59 12.64
N VAL A 32 -8.39 -15.82 13.19
CA VAL A 32 -8.48 -15.77 14.64
C VAL A 32 -9.59 -14.82 15.08
N ARG A 33 -9.97 -13.82 14.28
CA ARG A 33 -11.11 -13.00 14.66
C ARG A 33 -12.41 -13.77 14.54
N GLN A 34 -12.55 -14.62 13.50
CA GLN A 34 -13.74 -15.45 13.40
C GLN A 34 -13.83 -16.39 14.59
N GLN A 35 -12.70 -16.98 14.99
CA GLN A 35 -12.76 -18.05 15.99
C GLN A 35 -12.79 -17.55 17.42
N TRP A 36 -12.13 -16.41 17.70
CA TRP A 36 -12.03 -15.86 19.05
C TRP A 36 -12.40 -14.38 19.02
N PRO A 37 -13.66 -14.07 18.76
CA PRO A 37 -14.07 -12.66 18.70
C PRO A 37 -13.90 -11.93 20.01
N HIS A 38 -13.75 -12.64 21.13
CA HIS A 38 -13.59 -11.97 22.42
C HIS A 38 -12.29 -11.17 22.48
N LEU A 39 -11.36 -11.41 21.56
CA LEU A 39 -10.08 -10.71 21.53
C LEU A 39 -10.18 -9.33 20.91
N TYR A 40 -11.31 -9.00 20.28
CA TYR A 40 -11.41 -7.81 19.45
C TYR A 40 -12.51 -6.89 19.92
N ASN A 41 -12.35 -5.61 19.57
CA ASN A 41 -13.34 -4.57 19.91
C ASN A 41 -13.51 -3.67 18.69
N GLU A 42 -14.54 -3.97 17.87
CA GLU A 42 -14.75 -3.20 16.65
C GLU A 42 -15.04 -1.74 16.96
N ASP A 43 -15.71 -1.46 18.07
CA ASP A 43 -16.04 -0.09 18.40
C ASP A 43 -14.78 0.73 18.67
N GLU A 44 -13.81 0.17 19.40
CA GLU A 44 -12.52 0.83 19.58
C GLU A 44 -11.78 0.98 18.26
N GLU A 45 -11.80 -0.08 17.44
CA GLU A 45 -11.15 0.00 16.13
C GLU A 45 -11.74 1.11 15.28
N PHE A 46 -13.07 1.22 15.29
CA PHE A 46 -13.75 2.26 14.52
C PHE A 46 -13.37 3.64 15.03
N ARG A 47 -13.45 3.85 16.34
N ARG A 47 -13.45 3.85 16.34
CA ARG A 47 -13.12 5.15 16.90
CA ARG A 47 -13.12 5.15 16.92
C ARG A 47 -11.69 5.54 16.55
C ARG A 47 -11.68 5.55 16.59
N ASN A 48 -10.75 4.60 16.68
CA ASN A 48 -9.34 4.87 16.37
C ASN A 48 -9.17 5.23 14.90
N ALA A 49 -9.81 4.47 14.02
CA ALA A 49 -9.68 4.75 12.60
C ALA A 49 -10.24 6.11 12.25
N VAL A 50 -11.41 6.46 12.79
CA VAL A 50 -12.00 7.75 12.46
C VAL A 50 -11.12 8.88 12.98
N ASN A 51 -10.60 8.72 14.21
CA ASN A 51 -9.74 9.75 14.79
C ASN A 51 -8.49 9.94 13.95
N GLU A 52 -7.85 8.84 13.54
CA GLU A 52 -6.65 8.95 12.74
C GLU A 52 -6.93 9.60 11.39
N VAL A 53 -8.02 9.20 10.74
CA VAL A 53 -8.35 9.79 9.44
C VAL A 53 -8.62 11.29 9.61
N LYS A 54 -9.36 11.66 10.66
CA LYS A 54 -9.64 13.07 10.89
C LYS A 54 -8.37 13.84 11.11
N ARG A 55 -7.41 13.26 11.85
CA ARG A 55 -6.14 13.97 12.05
C ARG A 55 -5.38 14.12 10.75
N ALA A 56 -5.37 13.09 9.90
CA ALA A 56 -4.71 13.23 8.60
C ALA A 56 -5.35 14.34 7.78
N MET A 57 -6.68 14.44 7.83
CA MET A 57 -7.39 15.45 7.07
C MET A 57 -7.03 16.85 7.57
N GLN A 58 -6.79 16.98 8.87
N GLN A 58 -6.77 16.98 8.87
CA GLN A 58 -6.39 18.28 9.43
CA GLN A 58 -6.40 18.26 9.43
C GLN A 58 -5.03 18.73 8.93
C GLN A 58 -5.06 18.73 8.89
N PHE A 59 -4.19 17.80 8.47
CA PHE A 59 -2.90 18.12 7.89
C PHE A 59 -2.95 18.25 6.37
N GLY A 60 -4.13 18.16 5.77
CA GLY A 60 -4.27 18.35 4.34
C GLY A 60 -4.40 17.10 3.51
N VAL A 61 -4.50 15.92 4.14
CA VAL A 61 -4.62 14.70 3.35
C VAL A 61 -6.00 14.65 2.71
N LYS A 62 -6.04 14.39 1.41
N LYS A 62 -6.03 14.43 1.40
CA LYS A 62 -7.30 14.27 0.68
CA LYS A 62 -7.28 14.27 0.66
C LYS A 62 -7.68 12.84 0.30
C LYS A 62 -7.67 12.80 0.51
N THR A 63 -6.69 11.95 0.17
CA THR A 63 -6.94 10.57 -0.22
C THR A 63 -6.03 9.66 0.58
N ILE A 64 -6.59 8.56 1.06
CA ILE A 64 -5.82 7.52 1.75
C ILE A 64 -6.01 6.22 0.98
N VAL A 65 -4.90 5.53 0.72
CA VAL A 65 -4.90 4.23 0.07
C VAL A 65 -4.68 3.19 1.15
N ASP A 66 -5.62 2.27 1.31
CA ASP A 66 -5.56 1.28 2.39
C ASP A 66 -5.33 -0.10 1.79
N PRO A 67 -4.12 -0.67 1.91
CA PRO A 67 -3.80 -1.91 1.20
C PRO A 67 -4.07 -3.17 2.02
N THR A 68 -5.06 -3.11 2.90
CA THR A 68 -5.50 -4.28 3.64
C THR A 68 -6.23 -5.24 2.71
N VAL A 69 -5.77 -6.49 2.63
CA VAL A 69 -6.36 -7.47 1.72
C VAL A 69 -6.46 -8.81 2.44
N MET A 70 -6.69 -9.90 1.69
CA MET A 70 -6.84 -11.22 2.31
C MET A 70 -5.60 -11.56 3.12
N GLY A 71 -5.81 -12.00 4.35
CA GLY A 71 -4.73 -12.24 5.28
C GLY A 71 -4.56 -11.17 6.31
N CYS A 72 -5.09 -9.97 6.05
CA CYS A 72 -4.98 -8.86 6.97
C CYS A 72 -6.33 -8.27 7.33
N GLY A 73 -7.44 -8.89 6.91
CA GLY A 73 -8.73 -8.57 7.49
C GLY A 73 -9.49 -7.46 6.78
N ARG A 74 -9.31 -7.32 5.47
CA ARG A 74 -10.07 -6.34 4.69
C ARG A 74 -11.56 -6.50 4.96
N ASP A 75 -12.23 -5.38 5.22
CA ASP A 75 -13.66 -5.36 5.51
C ASP A 75 -14.23 -4.09 4.89
N ILE A 76 -14.87 -4.24 3.72
CA ILE A 76 -15.30 -3.07 2.99
C ILE A 76 -16.40 -2.33 3.73
N ARG A 77 -17.21 -3.05 4.54
CA ARG A 77 -18.29 -2.36 5.24
C ARG A 77 -17.75 -1.52 6.39
N PHE A 78 -16.71 -1.98 7.07
CA PHE A 78 -16.03 -1.13 8.05
C PHE A 78 -15.45 0.11 7.39
N MET A 79 -14.78 -0.09 6.24
CA MET A 79 -14.21 1.02 5.51
C MET A 79 -15.27 2.03 5.13
N GLU A 80 -16.44 1.56 4.66
CA GLU A 80 -17.44 2.54 4.25
C GLU A 80 -18.02 3.28 5.46
N LYS A 81 -18.06 2.64 6.63
CA LYS A 81 -18.49 3.36 7.82
C LYS A 81 -17.51 4.46 8.17
N VAL A 82 -16.20 4.20 8.03
CA VAL A 82 -15.21 5.24 8.28
C VAL A 82 -15.34 6.39 7.28
N VAL A 83 -15.64 6.07 6.01
CA VAL A 83 -15.83 7.12 5.02
C VAL A 83 -17.05 7.96 5.39
N LYS A 84 -18.15 7.31 5.79
CA LYS A 84 -19.34 8.06 6.16
C LYS A 84 -19.06 9.02 7.32
N ALA A 85 -18.18 8.62 8.24
CA ALA A 85 -17.90 9.40 9.44
C ALA A 85 -16.90 10.54 9.22
N THR A 86 -16.20 10.55 8.08
CA THR A 86 -15.07 11.46 7.89
C THR A 86 -15.11 12.21 6.58
N GLY A 87 -15.68 11.61 5.53
CA GLY A 87 -15.65 12.17 4.19
C GLY A 87 -14.34 12.01 3.44
N ILE A 88 -13.41 11.19 3.94
CA ILE A 88 -12.13 10.96 3.26
C ILE A 88 -12.38 10.24 1.94
N ASN A 89 -11.51 10.50 0.94
CA ASN A 89 -11.40 9.62 -0.22
C ASN A 89 -10.57 8.41 0.19
N LEU A 90 -11.14 7.21 0.06
CA LEU A 90 -10.49 5.98 0.52
C LEU A 90 -10.42 5.02 -0.66
N VAL A 91 -9.20 4.60 -1.02
CA VAL A 91 -9.00 3.62 -2.09
C VAL A 91 -8.78 2.26 -1.43
N ALA A 92 -9.69 1.32 -1.68
CA ALA A 92 -9.53 -0.06 -1.26
C ALA A 92 -8.89 -0.87 -2.37
N GLY A 93 -8.26 -1.98 -1.99
CA GLY A 93 -7.60 -2.85 -2.94
C GLY A 93 -8.07 -4.29 -2.84
N THR A 94 -7.46 -5.11 -3.68
CA THR A 94 -7.63 -6.55 -3.61
C THR A 94 -6.25 -7.18 -3.60
N GLY A 95 -6.18 -8.48 -3.35
CA GLY A 95 -4.90 -9.14 -3.29
C GLY A 95 -4.88 -10.19 -2.23
N ILE A 96 -3.69 -10.75 -2.02
CA ILE A 96 -3.46 -11.79 -1.04
C ILE A 96 -2.13 -11.49 -0.38
N PHE A 97 -2.13 -11.48 0.94
CA PHE A 97 -0.94 -11.20 1.73
C PHE A 97 -0.52 -12.50 2.40
N ILE A 98 0.49 -13.16 1.81
CA ILE A 98 1.05 -14.40 2.36
C ILE A 98 2.56 -14.31 2.28
N PHE A 99 3.22 -15.04 3.19
CA PHE A 99 4.67 -15.17 3.17
C PHE A 99 5.15 -16.54 2.73
N ILE A 100 4.33 -17.58 2.90
CA ILE A 100 4.78 -18.95 2.62
C ILE A 100 3.79 -19.67 1.72
N ASP A 101 2.65 -20.10 2.27
N ASP A 101 2.61 -19.99 2.27
CA ASP A 101 1.69 -20.90 1.52
CA ASP A 101 1.64 -20.88 1.68
C ASP A 101 0.32 -20.26 1.52
C ASP A 101 0.30 -20.16 1.51
N LEU A 102 -0.46 -20.58 0.49
CA LEU A 102 -1.84 -20.12 0.33
C LEU A 102 -2.75 -20.94 1.24
N PRO A 103 -3.91 -20.37 1.62
CA PRO A 103 -4.95 -21.18 2.29
C PRO A 103 -5.31 -22.43 1.53
N PHE A 104 -5.85 -23.42 2.25
CA PHE A 104 -6.16 -24.71 1.64
C PHE A 104 -7.15 -24.59 0.49
N TYR A 105 -7.95 -23.53 0.46
CA TYR A 105 -8.85 -23.31 -0.66
C TYR A 105 -8.14 -23.46 -2.00
N PHE A 106 -6.89 -23.02 -2.08
CA PHE A 106 -6.18 -22.83 -3.34
C PHE A 106 -5.46 -24.08 -3.81
N LEU A 107 -5.54 -25.16 -3.02
CA LEU A 107 -5.05 -26.45 -3.47
C LEU A 107 -5.67 -26.81 -4.81
N ASN A 108 -4.80 -27.10 -5.78
CA ASN A 108 -5.19 -27.53 -7.13
C ASN A 108 -5.88 -26.43 -7.92
N ARG A 109 -5.65 -25.17 -7.56
CA ARG A 109 -6.21 -24.04 -8.28
C ARG A 109 -5.11 -23.28 -9.01
N SER A 110 -5.46 -22.73 -10.15
CA SER A 110 -4.54 -22.13 -11.10
C SER A 110 -4.25 -20.66 -10.77
N ILE A 111 -3.17 -20.15 -11.36
CA ILE A 111 -2.89 -18.72 -11.26
C ILE A 111 -4.04 -17.90 -11.85
N ASP A 112 -4.64 -18.39 -12.94
CA ASP A 112 -5.77 -17.69 -13.54
C ASP A 112 -6.96 -17.62 -12.59
N GLU A 113 -7.21 -18.67 -11.82
CA GLU A 113 -8.30 -18.65 -10.86
C GLU A 113 -8.03 -17.60 -9.78
N ILE A 114 -6.78 -17.47 -9.36
CA ILE A 114 -6.44 -16.45 -8.37
C ILE A 114 -6.65 -15.07 -8.97
N ALA A 115 -6.14 -14.84 -10.18
CA ALA A 115 -6.34 -13.54 -10.82
C ALA A 115 -7.82 -13.21 -10.99
N ASP A 116 -8.65 -14.22 -11.26
CA ASP A 116 -10.09 -13.98 -11.38
C ASP A 116 -10.69 -13.39 -10.12
N LEU A 117 -10.16 -13.77 -8.94
CA LEU A 117 -10.65 -13.18 -7.70
C LEU A 117 -10.33 -11.70 -7.65
N PHE A 118 -9.11 -11.35 -8.05
CA PHE A 118 -8.71 -9.95 -8.06
C PHE A 118 -9.55 -9.17 -9.06
N ILE A 119 -9.73 -9.73 -10.27
CA ILE A 119 -10.49 -9.04 -11.31
C ILE A 119 -11.95 -8.88 -10.87
N HIS A 120 -12.49 -9.88 -10.17
CA HIS A 120 -13.83 -9.76 -9.61
C HIS A 120 -13.95 -8.51 -8.74
N ASP A 121 -12.99 -8.32 -7.84
CA ASP A 121 -13.06 -7.18 -6.93
C ASP A 121 -12.88 -5.85 -7.67
N ILE A 122 -12.09 -5.85 -8.73
CA ILE A 122 -11.83 -4.62 -9.48
C ILE A 122 -13.01 -4.25 -10.37
N LYS A 123 -13.65 -5.25 -10.98
CA LYS A 123 -14.65 -5.01 -12.00
C LYS A 123 -16.08 -5.10 -11.49
N GLU A 124 -16.33 -5.97 -10.51
CA GLU A 124 -17.68 -6.23 -10.01
C GLU A 124 -17.91 -5.58 -8.66
N GLY A 125 -16.97 -5.72 -7.72
CA GLY A 125 -17.12 -5.13 -6.41
C GLY A 125 -16.54 -6.02 -5.32
N ILE A 126 -16.36 -5.44 -4.14
CA ILE A 126 -15.73 -6.12 -3.01
C ILE A 126 -16.79 -6.63 -2.05
N GLN A 127 -16.71 -7.92 -1.71
CA GLN A 127 -17.51 -8.52 -0.63
C GLN A 127 -19.00 -8.23 -0.80
N GLY A 128 -19.49 -8.34 -2.04
CA GLY A 128 -20.92 -8.22 -2.29
C GLY A 128 -21.44 -6.79 -2.35
N THR A 129 -20.55 -5.80 -2.30
CA THR A 129 -20.90 -4.40 -2.46
C THR A 129 -20.46 -3.93 -3.83
N LEU A 130 -20.83 -2.69 -4.13
CA LEU A 130 -20.47 -2.09 -5.40
C LEU A 130 -19.19 -1.27 -5.28
N ASN A 131 -18.53 -1.29 -4.12
CA ASN A 131 -17.22 -0.67 -3.94
C ASN A 131 -16.17 -1.52 -4.63
N LYS A 132 -15.39 -0.91 -5.53
CA LYS A 132 -14.47 -1.66 -6.35
C LYS A 132 -13.03 -1.42 -5.91
N ALA A 133 -12.19 -2.42 -6.17
CA ALA A 133 -10.78 -2.32 -5.85
C ALA A 133 -10.04 -1.47 -6.87
N GLY A 134 -9.08 -0.69 -6.36
CA GLY A 134 -8.35 0.24 -7.22
C GLY A 134 -6.90 -0.11 -7.44
N PHE A 135 -6.44 -1.24 -6.89
CA PHE A 135 -5.04 -1.67 -6.94
C PHE A 135 -4.99 -3.10 -6.43
N VAL A 136 -3.85 -3.76 -6.66
CA VAL A 136 -3.61 -5.11 -6.12
C VAL A 136 -2.45 -5.04 -5.15
N KCX A 137 -2.58 -5.71 -4.00
CA KCX A 137 -1.52 -5.81 -3.02
CB KCX A 137 -2.04 -5.33 -1.65
CG KCX A 137 -1.11 -5.66 -0.50
CD KCX A 137 0.12 -4.78 -0.57
CE KCX A 137 1.01 -4.98 0.64
NZ KCX A 137 0.31 -4.62 1.89
C KCX A 137 -1.02 -7.25 -2.91
O KCX A 137 -1.84 -8.17 -2.84
CX KCX A 137 1.02 -4.34 2.95
OQ1 KCX A 137 2.27 -4.38 2.88
OQ2 KCX A 137 0.43 -4.04 4.00
N ILE A 138 0.30 -7.41 -2.89
CA ILE A 138 0.97 -8.71 -2.76
C ILE A 138 2.12 -8.58 -1.77
N ALA A 139 2.67 -9.71 -1.31
CA ALA A 139 3.72 -9.71 -0.31
C ALA A 139 4.73 -10.82 -0.57
N ALA A 140 5.92 -10.61 0.00
CA ALA A 140 6.92 -11.64 0.23
C ALA A 140 7.77 -11.15 1.40
N ASP A 141 8.41 -12.07 2.13
CA ASP A 141 9.19 -11.62 3.27
C ASP A 141 10.39 -12.52 3.45
N GLU A 142 10.72 -12.85 4.70
CA GLU A 142 11.92 -13.64 5.00
C GLU A 142 11.94 -14.98 4.27
N PRO A 143 10.82 -15.71 4.08
CA PRO A 143 10.91 -16.98 3.36
C PRO A 143 11.22 -16.85 1.88
N GLY A 144 11.24 -15.63 1.33
CA GLY A 144 11.57 -15.46 -0.07
C GLY A 144 10.41 -15.76 -1.01
N ILE A 145 10.75 -15.97 -2.29
CA ILE A 145 9.73 -16.21 -3.32
C ILE A 145 9.47 -17.71 -3.31
N THR A 146 8.51 -18.13 -2.50
CA THR A 146 8.03 -19.50 -2.53
C THR A 146 7.13 -19.73 -3.74
N LYS A 147 6.78 -21.00 -3.96
CA LYS A 147 5.89 -21.35 -5.07
C LYS A 147 4.56 -20.60 -4.97
N ASP A 148 3.96 -20.56 -3.78
CA ASP A 148 2.66 -19.87 -3.65
C ASP A 148 2.81 -18.36 -3.69
N VAL A 149 3.88 -17.81 -3.11
CA VAL A 149 4.14 -16.38 -3.26
C VAL A 149 4.25 -16.01 -4.73
N GLU A 150 4.97 -16.82 -5.53
CA GLU A 150 5.11 -16.50 -6.95
C GLU A 150 3.78 -16.61 -7.69
N LYS A 151 2.92 -17.58 -7.31
CA LYS A 151 1.60 -17.67 -7.93
C LYS A 151 0.85 -16.36 -7.74
N VAL A 152 0.90 -15.81 -6.53
CA VAL A 152 0.15 -14.59 -6.26
C VAL A 152 0.74 -13.43 -7.06
N ILE A 153 2.07 -13.35 -7.17
CA ILE A 153 2.68 -12.28 -7.96
C ILE A 153 2.23 -12.37 -9.41
N ARG A 154 2.25 -13.59 -9.97
CA ARG A 154 1.84 -13.76 -11.36
C ARG A 154 0.36 -13.46 -11.55
N ALA A 155 -0.49 -13.76 -10.55
CA ALA A 155 -1.90 -13.40 -10.68
C ALA A 155 -2.11 -11.89 -10.63
N ALA A 156 -1.31 -11.19 -9.82
CA ALA A 156 -1.38 -9.73 -9.80
C ALA A 156 -1.03 -9.14 -11.16
N ALA A 157 -0.04 -9.73 -11.84
CA ALA A 157 0.31 -9.22 -13.17
C ALA A 157 -0.84 -9.40 -14.14
N ILE A 158 -1.53 -10.55 -14.09
CA ILE A 158 -2.69 -10.77 -14.95
C ILE A 158 -3.76 -9.72 -14.65
N ALA A 159 -4.02 -9.45 -13.36
CA ALA A 159 -5.05 -8.48 -13.04
C ALA A 159 -4.68 -7.09 -13.55
N ASN A 160 -3.40 -6.72 -13.43
CA ASN A 160 -2.96 -5.43 -13.91
C ASN A 160 -3.08 -5.32 -15.42
N LYS A 161 -2.71 -6.37 -16.14
CA LYS A 161 -2.82 -6.31 -17.60
C LYS A 161 -4.27 -6.16 -18.04
N GLU A 162 -5.20 -6.80 -17.33
N GLU A 162 -5.20 -6.75 -17.30
CA GLU A 162 -6.61 -6.73 -17.72
CA GLU A 162 -6.59 -6.76 -17.70
C GLU A 162 -7.26 -5.42 -17.32
C GLU A 162 -7.35 -5.51 -17.24
N THR A 163 -6.92 -4.86 -16.16
CA THR A 163 -7.66 -3.75 -15.59
C THR A 163 -6.87 -2.45 -15.47
N LYS A 164 -5.55 -2.50 -15.58
CA LYS A 164 -4.62 -1.38 -15.57
C LYS A 164 -4.45 -0.80 -14.16
N VAL A 165 -4.99 -1.45 -13.12
CA VAL A 165 -4.76 -0.94 -11.76
C VAL A 165 -3.33 -1.23 -11.35
N PRO A 166 -2.75 -0.39 -10.49
CA PRO A 166 -1.36 -0.59 -10.07
C PRO A 166 -1.23 -1.68 -9.00
N ILE A 167 0.01 -2.00 -8.68
CA ILE A 167 0.37 -3.06 -7.76
C ILE A 167 1.24 -2.48 -6.66
N ILE A 168 0.84 -2.73 -5.42
CA ILE A 168 1.61 -2.37 -4.24
C ILE A 168 2.15 -3.65 -3.64
N THR A 169 3.42 -3.66 -3.27
CA THR A 169 3.97 -4.83 -2.61
C THR A 169 4.45 -4.54 -1.20
N HIS A 170 4.45 -5.61 -0.43
CA HIS A 170 5.21 -5.71 0.81
C HIS A 170 6.43 -6.56 0.49
N SER A 171 7.62 -6.08 0.88
CA SER A 171 8.84 -6.86 0.74
C SER A 171 9.63 -6.81 2.04
N ASN A 172 10.66 -7.63 2.11
CA ASN A 172 11.60 -7.59 3.23
C ASN A 172 12.82 -6.84 2.73
N ALA A 173 13.16 -5.74 3.41
CA ALA A 173 14.23 -4.87 2.91
C ALA A 173 15.61 -5.50 3.04
N HIS A 174 15.75 -6.59 3.79
CA HIS A 174 17.05 -7.18 4.06
C HIS A 174 17.31 -8.40 3.19
N ASN A 175 16.38 -8.71 2.27
N ASN A 175 16.40 -8.73 2.29
CA ASN A 175 16.41 -9.77 1.28
CA ASN A 175 16.70 -9.69 1.24
C ASN A 175 16.54 -9.13 -0.11
C ASN A 175 16.25 -9.12 -0.10
N ASN A 176 16.24 -9.93 -1.15
CA ASN A 176 16.03 -9.41 -2.48
C ASN A 176 14.58 -9.56 -2.93
N THR A 177 13.65 -9.74 -1.99
CA THR A 177 12.28 -10.02 -2.40
C THR A 177 11.67 -8.87 -3.20
N GLY A 178 12.00 -7.62 -2.85
CA GLY A 178 11.46 -6.50 -3.62
C GLY A 178 11.98 -6.48 -5.05
N LEU A 179 13.28 -6.70 -5.22
CA LEU A 179 13.84 -6.79 -6.56
C LEU A 179 13.21 -7.95 -7.34
N GLU A 180 12.99 -9.08 -6.68
CA GLU A 180 12.39 -10.23 -7.34
C GLU A 180 10.93 -9.96 -7.72
N GLN A 181 10.16 -9.34 -6.83
CA GLN A 181 8.80 -8.96 -7.20
C GLN A 181 8.77 -8.09 -8.44
N GLN A 182 9.60 -7.04 -8.45
CA GLN A 182 9.67 -6.16 -9.60
C GLN A 182 10.06 -6.91 -10.86
N ARG A 183 11.03 -7.82 -10.76
N ARG A 183 11.06 -7.80 -10.76
CA ARG A 183 11.49 -8.56 -11.93
CA ARG A 183 11.51 -8.57 -11.92
C ARG A 183 10.39 -9.44 -12.47
C ARG A 183 10.37 -9.42 -12.47
N ILE A 184 9.72 -10.21 -11.60
CA ILE A 184 8.70 -11.13 -12.06
C ILE A 184 7.56 -10.36 -12.71
N LEU A 185 7.11 -9.27 -12.07
CA LEU A 185 6.00 -8.50 -12.60
C LEU A 185 6.33 -7.87 -13.94
N THR A 186 7.55 -7.31 -14.08
CA THR A 186 7.89 -6.66 -15.34
C THR A 186 8.12 -7.69 -16.44
N GLU A 187 8.67 -8.86 -16.09
CA GLU A 187 8.79 -9.95 -17.05
C GLU A 187 7.43 -10.39 -17.57
N GLU A 188 6.39 -10.31 -16.74
CA GLU A 188 5.05 -10.68 -17.13
C GLU A 188 4.33 -9.57 -17.87
N GLY A 189 4.96 -8.41 -18.05
CA GLY A 189 4.38 -7.35 -18.85
C GLY A 189 3.85 -6.16 -18.07
N VAL A 190 4.08 -6.10 -16.77
CA VAL A 190 3.60 -4.95 -15.99
C VAL A 190 4.57 -3.80 -16.22
N ASP A 191 4.02 -2.62 -16.52
CA ASP A 191 4.78 -1.38 -16.56
C ASP A 191 5.47 -1.13 -15.22
N PRO A 192 6.79 -0.92 -15.20
CA PRO A 192 7.48 -0.73 -13.91
C PRO A 192 6.92 0.42 -13.11
N GLY A 193 6.45 1.48 -13.75
CA GLY A 193 5.86 2.62 -13.08
C GLY A 193 4.48 2.35 -12.50
N LYS A 194 3.97 1.14 -12.69
CA LYS A 194 2.71 0.72 -12.10
C LYS A 194 2.92 -0.16 -10.87
N ILE A 195 4.14 -0.14 -10.33
CA ILE A 195 4.56 -0.98 -9.20
C ILE A 195 5.15 -0.08 -8.12
N LEU A 196 4.72 -0.27 -6.88
CA LEU A 196 5.33 0.29 -5.68
C LEU A 196 5.94 -0.88 -4.90
N ILE A 197 7.26 -0.93 -4.83
CA ILE A 197 7.94 -1.94 -4.01
C ILE A 197 8.03 -1.39 -2.59
N GLY A 198 7.30 -2.02 -1.66
CA GLY A 198 7.17 -1.47 -0.34
C GLY A 198 8.20 -1.92 0.67
N HIS A 199 8.31 -1.12 1.74
CA HIS A 199 9.09 -1.44 2.94
C HIS A 199 10.59 -1.37 2.67
N LEU A 200 10.95 -0.55 1.69
CA LEU A 200 12.35 -0.29 1.36
C LEU A 200 12.99 0.70 2.32
N GLY A 201 12.20 1.53 2.99
CA GLY A 201 12.74 2.37 4.04
C GLY A 201 13.25 1.62 5.25
N ASP A 202 13.06 0.30 5.29
CA ASP A 202 13.53 -0.51 6.40
C ASP A 202 15.03 -0.75 6.37
N THR A 203 15.69 -0.48 5.24
CA THR A 203 17.11 -0.70 5.08
C THR A 203 17.82 0.61 4.79
N ASP A 204 19.12 0.65 5.10
CA ASP A 204 19.98 1.75 4.73
CA ASP A 204 19.98 1.75 4.73
C ASP A 204 20.88 1.42 3.55
N ASN A 205 20.65 0.27 2.91
CA ASN A 205 21.41 -0.09 1.72
C ASN A 205 20.88 0.72 0.56
N ILE A 206 21.36 1.97 0.45
CA ILE A 206 20.84 2.89 -0.55
C ILE A 206 20.99 2.34 -1.97
N ASP A 207 22.06 1.57 -2.23
CA ASP A 207 22.27 1.09 -3.60
C ASP A 207 21.18 0.12 -4.03
N TYR A 208 20.69 -0.68 -3.08
CA TYR A 208 19.59 -1.59 -3.36
C TYR A 208 18.31 -0.81 -3.67
N ILE A 209 18.00 0.19 -2.85
CA ILE A 209 16.82 1.00 -3.07
C ILE A 209 16.90 1.70 -4.42
N LYS A 210 18.06 2.31 -4.70
CA LYS A 210 18.23 3.00 -5.97
C LYS A 210 18.10 2.05 -7.15
N LYS A 211 18.58 0.82 -7.01
CA LYS A 211 18.48 -0.16 -8.09
C LYS A 211 17.03 -0.38 -8.49
N ILE A 212 16.13 -0.50 -7.50
CA ILE A 212 14.72 -0.72 -7.79
C ILE A 212 14.11 0.52 -8.44
N ALA A 213 14.43 1.70 -7.91
CA ALA A 213 13.89 2.93 -8.49
C ALA A 213 14.41 3.13 -9.91
N ASP A 214 15.70 2.82 -10.13
CA ASP A 214 16.30 2.97 -11.45
C ASP A 214 15.66 2.05 -12.48
N LYS A 215 15.10 0.93 -12.03
N LYS A 215 15.11 0.93 -12.03
CA LYS A 215 14.39 0.02 -12.91
CA LYS A 215 14.39 0.01 -12.92
C LYS A 215 12.97 0.47 -13.21
C LYS A 215 12.98 0.49 -13.23
N GLY A 216 12.54 1.61 -12.65
CA GLY A 216 11.29 2.24 -13.03
C GLY A 216 10.18 2.27 -12.00
N SER A 217 10.35 1.64 -10.84
CA SER A 217 9.24 1.45 -9.91
C SER A 217 9.37 2.41 -8.73
N PHE A 218 8.22 2.71 -8.11
CA PHE A 218 8.22 3.50 -6.90
C PHE A 218 8.79 2.70 -5.74
N ILE A 219 9.44 3.40 -4.82
CA ILE A 219 10.10 2.82 -3.68
C ILE A 219 9.38 3.29 -2.42
N GLY A 220 8.89 2.33 -1.65
CA GLY A 220 8.11 2.67 -0.48
C GLY A 220 8.98 2.91 0.72
N LEU A 221 9.19 4.19 1.04
CA LEU A 221 9.82 4.60 2.28
C LEU A 221 8.75 4.71 3.37
N ASP A 222 7.99 3.63 3.44
CA ASP A 222 6.86 3.51 4.32
C ASP A 222 7.33 3.05 5.69
N ARG A 223 6.38 2.74 6.57
CA ARG A 223 6.60 2.22 7.91
C ARG A 223 7.20 3.27 8.84
N TYR A 224 7.12 4.54 8.46
CA TYR A 224 7.48 5.65 9.33
C TYR A 224 6.70 5.62 10.64
N LEU A 230 14.06 0.32 11.48
CA LEU A 230 15.11 1.33 11.34
C LEU A 230 14.62 2.66 11.88
N PRO A 231 15.40 3.28 12.78
CA PRO A 231 14.96 4.51 13.44
C PRO A 231 14.57 5.57 12.42
N VAL A 232 13.57 6.38 12.80
CA VAL A 232 13.10 7.42 11.89
C VAL A 232 14.25 8.33 11.49
N ASP A 233 15.14 8.64 12.44
CA ASP A 233 16.31 9.43 12.14
C ASP A 233 17.12 8.80 11.02
N LYS A 234 17.34 7.49 11.09
CA LYS A 234 18.06 6.79 10.03
C LYS A 234 17.20 6.70 8.77
N ARG A 235 15.91 6.41 8.94
CA ARG A 235 14.96 6.48 7.82
C ARG A 235 14.98 7.87 7.19
N ASN A 236 14.81 8.90 8.03
CA ASN A 236 14.88 10.28 7.54
C ASN A 236 16.19 10.54 6.81
N GLU A 237 17.30 10.02 7.34
CA GLU A 237 18.59 10.21 6.71
C GLU A 237 18.61 9.54 5.34
N THR A 238 18.10 8.32 5.26
CA THR A 238 17.98 7.64 3.97
C THR A 238 17.04 8.40 3.05
N THR A 239 15.86 8.78 3.57
CA THR A 239 14.93 9.56 2.77
C THR A 239 15.58 10.84 2.27
N LEU A 240 16.23 11.57 3.18
CA LEU A 240 16.92 12.81 2.79
C LEU A 240 18.01 12.53 1.75
N ARG A 241 18.83 11.50 1.99
CA ARG A 241 19.86 11.11 1.05
C ARG A 241 19.28 10.83 -0.33
N LEU A 242 18.18 10.06 -0.37
CA LEU A 242 17.56 9.75 -1.65
C LEU A 242 17.05 10.99 -2.34
N ILE A 243 16.47 11.91 -1.55
CA ILE A 243 16.04 13.20 -2.08
C ILE A 243 17.24 13.99 -2.59
N LYS A 244 18.26 14.13 -1.74
CA LYS A 244 19.48 14.83 -2.12
C LYS A 244 20.10 14.23 -3.39
N ASP A 245 19.92 12.94 -3.60
CA ASP A 245 20.48 12.27 -4.78
C ASP A 245 19.53 12.28 -5.97
N GLY A 246 18.36 12.91 -5.84
CA GLY A 246 17.48 13.10 -6.97
C GLY A 246 16.41 12.05 -7.17
N TYR A 247 16.03 11.31 -6.14
CA TYR A 247 15.09 10.21 -6.29
C TYR A 247 13.67 10.58 -5.84
N SER A 248 13.39 11.88 -5.65
CA SER A 248 12.08 12.32 -5.18
C SER A 248 10.94 11.74 -6.01
N ASP A 249 11.09 11.68 -7.34
CA ASP A 249 10.01 11.23 -8.20
C ASP A 249 9.81 9.72 -8.21
N LYS A 250 10.50 8.99 -7.34
CA LYS A 250 10.24 7.57 -7.16
C LYS A 250 9.86 7.28 -5.72
N ILE A 251 9.95 8.25 -4.82
CA ILE A 251 9.78 8.01 -3.40
C ILE A 251 8.31 8.10 -3.06
N MET A 252 7.82 7.12 -2.31
CA MET A 252 6.52 7.19 -1.68
C MET A 252 6.73 7.08 -0.19
N ILE A 253 6.18 8.00 0.58
CA ILE A 253 6.27 7.97 2.04
C ILE A 253 4.92 7.58 2.61
N SER A 254 4.93 6.61 3.50
CA SER A 254 3.76 6.31 4.29
C SER A 254 4.22 5.95 5.68
N HIS A 255 3.25 5.76 6.57
CA HIS A 255 3.55 5.30 7.89
C HIS A 255 3.39 3.80 8.02
N ASP A 256 2.68 3.20 7.06
CA ASP A 256 2.20 1.84 7.19
C ASP A 256 1.52 1.67 8.55
N TYR A 257 0.89 2.76 9.01
CA TYR A 257 0.31 2.81 10.34
C TYR A 257 -0.99 2.03 10.36
N CYS A 258 -1.13 1.16 11.35
CA CYS A 258 -2.38 0.44 11.59
C CYS A 258 -3.06 1.11 12.76
N CYS A 259 -4.19 1.78 12.50
CA CYS A 259 -4.95 2.41 13.56
C CYS A 259 -5.30 1.39 14.65
N THR A 260 -5.40 0.11 14.26
CA THR A 260 -5.52 -0.99 15.21
C THR A 260 -4.98 -2.25 14.54
N ILE A 261 -4.04 -2.91 15.18
CA ILE A 261 -3.49 -4.18 14.72
C ILE A 261 -3.59 -5.17 15.87
N ASP A 262 -3.72 -6.45 15.53
CA ASP A 262 -3.94 -7.48 16.54
C ASP A 262 -2.68 -8.25 16.91
N TRP A 263 -1.53 -7.94 16.30
CA TRP A 263 -0.29 -8.64 16.57
C TRP A 263 0.09 -8.51 18.04
N GLY A 264 0.83 -9.50 18.53
CA GLY A 264 1.30 -9.48 19.91
C GLY A 264 2.50 -8.55 20.11
N LEU A 278 3.67 6.86 17.49
CA LEU A 278 3.14 6.09 16.37
C LEU A 278 1.77 6.64 16.00
N SER A 279 1.62 7.06 14.74
CA SER A 279 0.33 7.56 14.27
C SER A 279 0.41 7.82 12.79
N ILE A 280 -0.77 8.09 12.20
CA ILE A 280 -0.83 8.37 10.77
C ILE A 280 -0.40 9.79 10.44
N THR A 281 0.00 10.57 11.44
CA THR A 281 0.48 11.93 11.23
C THR A 281 1.91 12.12 11.69
N LEU A 282 2.63 11.01 11.93
CA LEU A 282 4.04 11.13 12.28
C LEU A 282 4.84 11.81 11.19
N ILE A 283 4.49 11.58 9.91
CA ILE A 283 5.28 12.26 8.89
C ILE A 283 5.03 13.74 8.92
N PHE A 284 3.92 14.18 9.51
CA PHE A 284 3.66 15.61 9.61
C PHE A 284 4.32 16.21 10.82
N GLU A 285 4.45 15.42 11.89
CA GLU A 285 5.05 15.85 13.14
C GLU A 285 6.55 15.63 13.18
N ASP A 286 7.06 14.68 12.39
CA ASP A 286 8.48 14.34 12.47
C ASP A 286 9.15 14.34 11.10
N THR A 287 8.72 13.45 10.20
CA THR A 287 9.44 13.24 8.95
C THR A 287 9.46 14.50 8.10
N ILE A 288 8.30 15.04 7.74
CA ILE A 288 8.25 16.23 6.91
C ILE A 288 8.95 17.41 7.59
N PRO A 289 8.74 17.69 8.89
CA PRO A 289 9.52 18.77 9.52
C PRO A 289 11.01 18.53 9.44
N PHE A 290 11.47 17.30 9.72
CA PHE A 290 12.90 16.99 9.61
C PHE A 290 13.42 17.31 8.23
N LEU A 291 12.73 16.81 7.20
CA LEU A 291 13.11 17.10 5.81
C LEU A 291 13.21 18.60 5.58
N LYS A 292 12.17 19.35 5.94
CA LYS A 292 12.17 20.79 5.74
C LYS A 292 13.32 21.46 6.48
N ARG A 293 13.61 21.02 7.71
CA ARG A 293 14.71 21.59 8.47
C ARG A 293 16.05 21.33 7.82
N ASN A 294 16.14 20.31 6.98
CA ASN A 294 17.38 19.95 6.29
C ASN A 294 17.39 20.41 4.85
N GLY A 295 16.58 21.41 4.50
CA GLY A 295 16.67 22.07 3.22
C GLY A 295 15.70 21.60 2.16
N VAL A 296 14.96 20.52 2.40
CA VAL A 296 13.99 20.02 1.43
C VAL A 296 12.85 21.01 1.30
N ASN A 297 12.52 21.39 0.05
CA ASN A 297 11.56 22.45 -0.17
C ASN A 297 10.16 21.88 -0.40
N GLU A 298 9.24 22.77 -0.78
CA GLU A 298 7.82 22.43 -0.88
C GLU A 298 7.53 21.56 -2.08
N GLU A 299 8.23 21.81 -3.18
CA GLU A 299 7.97 21.07 -4.42
C GLU A 299 8.35 19.59 -4.27
N VAL A 300 9.33 19.29 -3.40
CA VAL A 300 9.67 17.90 -3.15
C VAL A 300 8.54 17.21 -2.39
N ILE A 301 8.04 17.86 -1.34
CA ILE A 301 6.92 17.30 -0.59
C ILE A 301 5.73 17.08 -1.51
N ALA A 302 5.49 18.01 -2.44
CA ALA A 302 4.36 17.86 -3.35
C ALA A 302 4.61 16.75 -4.35
N THR A 303 5.86 16.59 -4.79
CA THR A 303 6.18 15.50 -5.70
C THR A 303 5.89 14.15 -5.05
N ILE A 304 6.34 13.98 -3.81
N ILE A 304 6.33 13.97 -3.80
CA ILE A 304 6.21 12.69 -3.15
CA ILE A 304 6.23 12.66 -3.16
C ILE A 304 4.73 12.37 -2.89
C ILE A 304 4.82 12.36 -2.61
N PHE A 305 3.97 13.36 -2.42
CA PHE A 305 2.63 13.11 -1.88
C PHE A 305 1.50 13.42 -2.86
N LYS A 306 1.75 14.10 -3.97
CA LYS A 306 0.73 14.42 -4.95
C LYS A 306 1.10 13.91 -6.33
N GLU A 307 2.29 14.26 -6.83
CA GLU A 307 2.64 13.91 -8.20
C GLU A 307 2.88 12.41 -8.35
N ASN A 308 3.60 11.81 -7.41
CA ASN A 308 3.87 10.37 -7.52
C ASN A 308 2.59 9.55 -7.45
N PRO A 309 1.68 9.77 -6.50
CA PRO A 309 0.43 8.99 -6.53
C PRO A 309 -0.41 9.24 -7.77
N LYS A 310 -0.45 10.47 -8.28
CA LYS A 310 -1.17 10.73 -9.52
C LYS A 310 -0.63 9.87 -10.67
N LYS A 311 0.69 9.80 -10.82
N LYS A 311 0.69 9.77 -10.81
CA LYS A 311 1.28 8.96 -11.87
CA LYS A 311 1.25 8.96 -11.88
C LYS A 311 0.98 7.50 -11.63
C LYS A 311 1.02 7.47 -11.64
N PHE A 312 1.14 7.05 -10.38
CA PHE A 312 0.91 5.66 -10.02
C PHE A 312 -0.47 5.21 -10.46
N PHE A 313 -1.48 6.04 -10.22
CA PHE A 313 -2.86 5.71 -10.53
C PHE A 313 -3.29 6.20 -11.91
N SER A 314 -2.39 6.82 -12.67
CA SER A 314 -2.74 7.34 -13.99
C SER A 314 -2.68 6.26 -15.07
FE FE B . 0.98 -2.43 5.22
CO CO C . 3.64 -4.57 4.29
C1 GOL D . -1.02 -1.85 -17.60
O1 GOL D . -1.16 -1.00 -16.47
C2 GOL D . 0.41 -2.51 -17.66
O2 GOL D . 1.20 -2.29 -16.56
C3 GOL D . 1.03 -2.09 -19.00
O3 GOL D . 2.34 -2.61 -19.00
C1 EDO E . 15.94 7.01 -12.26
O1 EDO E . 15.21 5.84 -12.62
C2 EDO E . 15.51 8.15 -13.18
O2 EDO E . 14.20 8.54 -12.80
C1 GOL F . 3.01 20.07 2.53
O1 GOL F . 3.14 21.40 2.91
C2 GOL F . 1.84 19.47 3.36
O2 GOL F . 1.96 19.79 4.70
C3 GOL F . 0.56 20.05 2.73
O3 GOL F . -0.52 19.48 3.40
P PO4 G . 2.21 -4.35 6.79
O1 PO4 G . 3.13 -4.05 7.94
O2 PO4 G . 2.63 -3.55 5.59
O3 PO4 G . 0.79 -3.96 7.14
O4 PO4 G . 2.27 -5.84 6.47
#